data_3LM7
#
_entry.id   3LM7
#
_cell.length_a   49.947
_cell.length_b   60.453
_cell.length_c   159.119
_cell.angle_alpha   90.00
_cell.angle_beta   90.00
_cell.angle_gamma   90.00
#
_symmetry.space_group_name_H-M   'P 21 21 21'
#
loop_
_entity.id
_entity.type
_entity.pdbx_description
1 polymer 'putative 4-Hydroxy-2-oxoglutarate aldolase / 2-dehydro-3-deoxyphosphogluconate aldolase'
2 non-polymer 'BROMIDE ION'
3 non-polymer 'POTASSIUM ION'
4 water water
#
_entity_poly.entity_id   1
_entity_poly.type   'polypeptide(L)'
_entity_poly.pdbx_seq_one_letter_code
;SNA(MSE)KLTPNYYRDRVCLNVLAGSKDNARAIYQAAEGHVLVGVLSKNYPDVDSAVKD(MSE)REYAALIDNALSVGL
GAGDPRQSV(MSE)VSQISQQVQPQHVNQVFTGVGASRALLGQHDTVVNGLISPTGKVGYVKISTGPLSSQQKDAIVPVT
TAIA(MSE)LKD(MSE)GGSSVKFFP(MSE)NGLDSIDEYRFVAEACAATGFWLEPTGGIDLDNFEQIVQIALDAGVTKV
IPHIYSSIIDSKTGNTRPEDVKTLLDIVKKIVQ
;
_entity_poly.pdbx_strand_id   A,B
#
# COMPACT_ATOMS: atom_id res chain seq x y z
N SER A 1 -7.12 -14.64 -19.40
CA SER A 1 -6.48 -13.31 -19.31
C SER A 1 -6.33 -12.82 -20.77
N ASN A 2 -5.66 -13.60 -21.67
CA ASN A 2 -5.30 -13.13 -23.07
C ASN A 2 -4.59 -11.75 -22.98
N ALA A 3 -3.69 -11.66 -22.01
CA ALA A 3 -2.96 -10.40 -21.65
C ALA A 3 -3.83 -9.19 -21.24
N LYS A 5 -5.45 -6.87 -18.30
CA LYS A 5 -4.95 -6.54 -16.95
C LYS A 5 -5.87 -7.23 -15.88
N LEU A 6 -5.31 -7.84 -14.82
CA LEU A 6 -6.12 -8.57 -13.85
C LEU A 6 -6.27 -7.80 -12.51
N THR A 7 -5.65 -6.63 -12.38
CA THR A 7 -5.86 -5.79 -11.18
C THR A 7 -6.58 -4.49 -11.57
N PRO A 8 -7.41 -3.91 -10.65
CA PRO A 8 -8.14 -2.66 -10.94
C PRO A 8 -7.18 -1.51 -11.29
N ASN A 9 -7.68 -0.55 -12.05
CA ASN A 9 -6.89 0.69 -12.34
C ASN A 9 -7.13 1.71 -11.25
N TYR A 10 -6.47 1.54 -10.13
CA TYR A 10 -6.66 2.46 -9.05
C TYR A 10 -6.08 3.79 -9.45
N TYR A 11 -6.74 4.84 -9.04
CA TYR A 11 -6.20 6.17 -9.27
C TYR A 11 -5.06 6.37 -8.29
N ARG A 12 -3.87 6.73 -8.82
CA ARG A 12 -2.65 6.87 -7.99
C ARG A 12 -2.46 5.74 -6.99
N ASP A 13 -2.79 4.55 -7.43
CA ASP A 13 -2.59 3.34 -6.66
C ASP A 13 -3.30 3.30 -5.37
N ARG A 14 -4.38 4.08 -5.24
CA ARG A 14 -5.07 4.12 -3.95
C ARG A 14 -6.54 3.79 -4.04
N VAL A 15 -7.25 4.38 -4.98
CA VAL A 15 -8.74 4.30 -4.98
C VAL A 15 -9.29 3.95 -6.32
N CYS A 16 -10.23 2.98 -6.35
CA CYS A 16 -10.86 2.61 -7.63
C CYS A 16 -12.37 2.56 -7.37
N LEU A 17 -13.16 3.20 -8.23
CA LEU A 17 -14.60 3.21 -8.02
C LEU A 17 -15.15 1.84 -8.38
N ASN A 18 -16.31 1.49 -7.83
CA ASN A 18 -17.06 0.37 -8.30
C ASN A 18 -18.54 0.73 -8.46
N VAL A 19 -19.07 0.60 -9.70
CA VAL A 19 -20.46 1.04 -9.93
C VAL A 19 -21.02 0.03 -10.86
N LEU A 20 -22.33 -0.04 -10.98
CA LEU A 20 -22.97 -1.03 -11.82
C LEU A 20 -23.22 -0.51 -13.24
N ALA A 21 -23.23 -1.41 -14.22
CA ALA A 21 -23.63 -1.01 -15.57
C ALA A 21 -25.05 -1.44 -15.82
N GLY A 22 -25.84 -0.60 -16.49
CA GLY A 22 -27.20 -1.04 -16.84
C GLY A 22 -27.26 -1.62 -18.25
N SER A 23 -26.16 -1.52 -19.00
CA SER A 23 -26.14 -1.99 -20.40
C SER A 23 -24.68 -1.96 -20.88
N LYS A 24 -24.38 -2.56 -22.03
CA LYS A 24 -23.00 -2.45 -22.55
C LYS A 24 -22.58 -1.03 -22.91
N ASP A 25 -23.48 -0.28 -23.54
CA ASP A 25 -23.20 1.13 -23.88
C ASP A 25 -22.98 1.87 -22.55
N ASN A 26 -23.75 1.53 -21.53
CA ASN A 26 -23.58 2.23 -20.22
C ASN A 26 -22.21 1.93 -19.63
N ALA A 27 -21.79 0.65 -19.69
CA ALA A 27 -20.45 0.31 -19.21
C ALA A 27 -19.37 1.16 -19.92
N ARG A 28 -19.46 1.26 -21.25
CA ARG A 28 -18.47 2.10 -22.00
C ARG A 28 -18.45 3.55 -21.50
N ALA A 29 -19.64 4.13 -21.32
CA ALA A 29 -19.78 5.55 -20.93
C ALA A 29 -19.19 5.73 -19.52
N ILE A 30 -19.47 4.75 -18.64
CA ILE A 30 -18.96 4.80 -17.24
C ILE A 30 -17.44 4.77 -17.25
N TYR A 31 -16.87 3.83 -18.02
CA TYR A 31 -15.43 3.64 -18.09
C TYR A 31 -14.74 4.89 -18.63
N GLN A 32 -15.36 5.51 -19.65
CA GLN A 32 -14.88 6.76 -20.12
C GLN A 32 -14.91 7.83 -19.04
N ALA A 33 -16.04 7.97 -18.39
CA ALA A 33 -16.26 9.09 -17.43
C ALA A 33 -15.32 8.97 -16.24
N ALA A 34 -15.02 7.73 -15.87
CA ALA A 34 -14.04 7.52 -14.79
C ALA A 34 -12.58 7.62 -15.21
N GLU A 35 -12.32 7.86 -16.51
CA GLU A 35 -10.92 7.83 -17.02
C GLU A 35 -10.28 6.46 -16.72
N GLY A 36 -11.10 5.41 -16.81
CA GLY A 36 -10.67 4.06 -16.50
C GLY A 36 -10.54 3.66 -15.03
N HIS A 37 -10.68 4.59 -14.08
CA HIS A 37 -10.48 4.30 -12.63
C HIS A 37 -11.79 3.75 -11.98
N VAL A 38 -12.25 2.64 -12.56
CA VAL A 38 -13.54 2.08 -12.21
C VAL A 38 -13.53 0.60 -12.53
N LEU A 39 -14.32 -0.10 -11.73
CA LEU A 39 -14.71 -1.45 -11.96
C LEU A 39 -16.23 -1.40 -12.19
N VAL A 40 -16.65 -2.01 -13.30
CA VAL A 40 -18.02 -1.98 -13.70
C VAL A 40 -18.67 -3.27 -13.32
N GLY A 41 -19.69 -3.20 -12.45
CA GLY A 41 -20.36 -4.42 -11.92
C GLY A 41 -21.36 -5.02 -12.88
N VAL A 42 -21.27 -6.32 -13.12
CA VAL A 42 -22.28 -7.05 -13.89
C VAL A 42 -22.69 -8.24 -13.02
N LEU A 43 -23.99 -8.52 -12.93
CA LEU A 43 -24.45 -9.45 -11.86
C LEU A 43 -24.72 -10.82 -12.34
N SER A 44 -24.21 -11.83 -11.63
CA SER A 44 -24.47 -13.24 -12.00
C SER A 44 -25.98 -13.56 -12.05
N LYS A 45 -26.77 -12.91 -11.18
CA LYS A 45 -28.20 -13.19 -11.00
C LYS A 45 -28.98 -12.83 -12.27
N ASN A 46 -28.40 -12.02 -13.13
CA ASN A 46 -29.03 -11.61 -14.36
C ASN A 46 -28.94 -12.63 -15.50
N TYR A 47 -28.42 -13.83 -15.21
CA TYR A 47 -28.17 -14.85 -16.26
C TYR A 47 -28.69 -16.19 -15.81
N PRO A 48 -29.16 -17.03 -16.77
CA PRO A 48 -29.79 -18.30 -16.39
C PRO A 48 -28.79 -19.38 -16.05
N ASP A 49 -27.57 -19.29 -16.58
CA ASP A 49 -26.55 -20.27 -16.25
C ASP A 49 -25.16 -19.67 -16.34
N VAL A 50 -24.17 -20.48 -15.95
CA VAL A 50 -22.75 -20.08 -16.04
C VAL A 50 -22.28 -19.72 -17.44
N ASP A 51 -22.58 -20.56 -18.43
CA ASP A 51 -22.09 -20.29 -19.78
C ASP A 51 -22.53 -18.95 -20.36
N SER A 52 -23.82 -18.62 -20.16
CA SER A 52 -24.38 -17.36 -20.66
C SER A 52 -23.80 -16.18 -19.93
N ALA A 53 -23.68 -16.27 -18.61
CA ALA A 53 -23.00 -15.21 -17.84
C ALA A 53 -21.54 -15.00 -18.34
N VAL A 54 -20.79 -16.09 -18.52
CA VAL A 54 -19.41 -15.99 -18.98
C VAL A 54 -19.38 -15.27 -20.32
N LYS A 55 -20.17 -15.76 -21.29
CA LYS A 55 -20.23 -15.17 -22.63
C LYS A 55 -20.50 -13.67 -22.53
N ASP A 56 -21.54 -13.28 -21.78
CA ASP A 56 -21.94 -11.90 -21.79
C ASP A 56 -20.91 -11.03 -21.10
N ARG A 58 -17.68 -11.63 -20.81
CA ARG A 58 -16.55 -11.47 -21.72
C ARG A 58 -16.81 -10.34 -22.73
N GLU A 59 -18.04 -10.21 -23.19
CA GLU A 59 -18.33 -9.08 -24.08
C GLU A 59 -18.15 -7.71 -23.36
N TYR A 60 -18.64 -7.56 -22.12
CA TYR A 60 -18.41 -6.34 -21.35
C TYR A 60 -16.92 -6.11 -21.15
N ALA A 61 -16.18 -7.17 -20.80
CA ALA A 61 -14.76 -7.00 -20.49
C ALA A 61 -13.98 -6.43 -21.65
N ALA A 62 -14.34 -6.90 -22.85
CA ALA A 62 -13.69 -6.46 -24.09
C ALA A 62 -13.93 -4.97 -24.29
N LEU A 63 -15.07 -4.44 -23.86
CA LEU A 63 -15.34 -3.01 -24.07
C LEU A 63 -14.51 -2.13 -23.13
N ILE A 64 -14.12 -2.71 -21.98
CA ILE A 64 -13.61 -1.90 -20.89
C ILE A 64 -12.27 -2.38 -20.36
N ASP A 65 -11.47 -3.01 -21.22
CA ASP A 65 -10.11 -3.44 -20.88
C ASP A 65 -10.09 -4.31 -19.59
N ASN A 66 -11.12 -5.16 -19.42
CA ASN A 66 -11.23 -6.09 -18.26
C ASN A 66 -11.59 -5.45 -16.91
N ALA A 67 -12.06 -4.20 -16.95
CA ALA A 67 -12.34 -3.48 -15.69
C ALA A 67 -13.73 -3.89 -15.21
N LEU A 68 -13.89 -5.21 -15.00
CA LEU A 68 -15.14 -5.85 -14.72
C LEU A 68 -15.11 -6.33 -13.26
N SER A 69 -16.24 -6.14 -12.56
CA SER A 69 -16.45 -6.69 -11.21
C SER A 69 -17.60 -7.67 -11.33
N VAL A 70 -17.35 -8.95 -11.09
CA VAL A 70 -18.43 -9.96 -11.10
C VAL A 70 -19.29 -9.83 -9.81
N GLY A 71 -20.59 -9.55 -9.96
CA GLY A 71 -21.47 -9.34 -8.82
C GLY A 71 -22.30 -10.54 -8.42
N LEU A 72 -22.53 -10.67 -7.12
CA LEU A 72 -23.58 -11.59 -6.66
C LEU A 72 -25.00 -11.04 -7.01
N GLY A 73 -25.22 -9.76 -6.81
CA GLY A 73 -26.57 -9.18 -6.97
C GLY A 73 -26.99 -8.76 -5.55
N ALA A 74 -26.68 -7.50 -5.20
CA ALA A 74 -27.00 -6.93 -3.86
C ALA A 74 -26.46 -7.87 -2.69
N GLY A 75 -25.25 -8.41 -2.90
CA GLY A 75 -24.59 -9.35 -1.96
C GLY A 75 -25.36 -10.65 -1.68
N ASP A 76 -26.25 -11.06 -2.62
CA ASP A 76 -27.15 -12.24 -2.39
C ASP A 76 -26.30 -13.54 -2.28
N PRO A 77 -26.32 -14.21 -1.10
CA PRO A 77 -25.38 -15.33 -0.93
C PRO A 77 -25.72 -16.56 -1.76
N ARG A 78 -26.96 -16.71 -2.18
CA ARG A 78 -27.32 -17.81 -3.07
C ARG A 78 -26.57 -17.80 -4.44
N GLN A 79 -26.01 -16.67 -4.81
CA GLN A 79 -25.24 -16.59 -6.07
C GLN A 79 -23.76 -16.90 -5.87
N SER A 80 -23.38 -17.22 -4.63
CA SER A 80 -21.93 -17.41 -4.34
C SER A 80 -21.20 -18.46 -5.18
N VAL A 81 -21.81 -19.64 -5.35
CA VAL A 81 -21.16 -20.68 -6.13
C VAL A 81 -21.11 -20.27 -7.62
N VAL A 83 -20.96 -17.26 -8.85
CA VAL A 83 -19.87 -16.25 -8.99
C VAL A 83 -18.49 -16.91 -9.04
N SER A 84 -18.26 -17.93 -8.22
CA SER A 84 -16.96 -18.60 -8.26
C SER A 84 -16.74 -19.27 -9.62
N GLN A 85 -17.79 -19.92 -10.14
CA GLN A 85 -17.64 -20.56 -11.45
C GLN A 85 -17.51 -19.59 -12.60
N ILE A 86 -18.33 -18.54 -12.60
CA ILE A 86 -18.21 -17.51 -13.61
C ILE A 86 -16.79 -16.91 -13.59
N SER A 87 -16.31 -16.56 -12.39
CA SER A 87 -15.01 -15.83 -12.26
C SER A 87 -13.83 -16.67 -12.74
N GLN A 88 -13.87 -17.97 -12.49
CA GLN A 88 -12.85 -18.92 -13.00
C GLN A 88 -12.61 -18.72 -14.50
N GLN A 89 -13.71 -18.64 -15.25
CA GLN A 89 -13.65 -18.56 -16.72
C GLN A 89 -13.41 -17.15 -17.23
N VAL A 90 -14.07 -16.18 -16.60
CA VAL A 90 -13.95 -14.81 -17.08
C VAL A 90 -12.57 -14.18 -16.79
N GLN A 91 -12.01 -14.48 -15.61
CA GLN A 91 -10.77 -13.85 -15.13
C GLN A 91 -10.87 -12.33 -15.14
N PRO A 92 -11.80 -11.78 -14.35
CA PRO A 92 -11.98 -10.34 -14.27
C PRO A 92 -10.94 -9.71 -13.37
N GLN A 93 -11.06 -8.37 -13.19
CA GLN A 93 -10.22 -7.66 -12.24
C GLN A 93 -10.72 -7.78 -10.81
N HIS A 94 -11.99 -8.12 -10.65
CA HIS A 94 -12.61 -8.00 -9.33
C HIS A 94 -13.77 -8.97 -9.19
N VAL A 95 -13.92 -9.56 -7.97
CA VAL A 95 -15.00 -10.50 -7.74
C VAL A 95 -15.64 -10.15 -6.39
N ASN A 96 -16.97 -10.06 -6.34
CA ASN A 96 -17.67 -9.86 -5.10
C ASN A 96 -17.95 -11.25 -4.52
N GLN A 97 -17.59 -11.49 -3.27
CA GLN A 97 -17.98 -12.76 -2.63
C GLN A 97 -18.56 -12.53 -1.21
N VAL A 98 -19.30 -13.55 -0.72
CA VAL A 98 -19.63 -13.64 0.70
C VAL A 98 -18.49 -14.37 1.42
N PHE A 99 -18.45 -14.29 2.74
CA PHE A 99 -17.27 -14.69 3.50
C PHE A 99 -16.96 -16.16 3.15
N THR A 100 -17.99 -16.98 2.97
CA THR A 100 -17.79 -18.43 2.84
C THR A 100 -17.52 -18.80 1.37
N GLY A 101 -17.45 -17.81 0.49
CA GLY A 101 -17.17 -18.07 -0.91
C GLY A 101 -15.80 -17.59 -1.37
N VAL A 102 -15.06 -16.92 -0.47
CA VAL A 102 -13.74 -16.36 -0.85
C VAL A 102 -12.70 -17.42 -1.21
N GLY A 103 -12.59 -18.49 -0.40
CA GLY A 103 -11.59 -19.53 -0.64
C GLY A 103 -11.86 -20.26 -1.95
N ALA A 104 -13.11 -20.67 -2.22
CA ALA A 104 -13.33 -21.33 -3.54
C ALA A 104 -13.05 -20.38 -4.70
N SER A 105 -13.40 -19.09 -4.59
CA SER A 105 -13.21 -18.19 -5.76
C SER A 105 -11.74 -18.01 -6.00
N ARG A 106 -10.99 -17.79 -4.93
CA ARG A 106 -9.57 -17.58 -5.18
C ARG A 106 -8.94 -18.84 -5.80
N ALA A 107 -9.31 -19.98 -5.28
CA ALA A 107 -8.75 -21.23 -5.78
C ALA A 107 -9.12 -21.42 -7.25
N LEU A 108 -10.39 -21.20 -7.63
CA LEU A 108 -10.75 -21.36 -9.04
C LEU A 108 -10.17 -20.25 -9.95
N LEU A 109 -9.87 -19.08 -9.39
CA LEU A 109 -9.22 -18.04 -10.20
C LEU A 109 -7.82 -18.49 -10.60
N GLY A 110 -7.15 -19.19 -9.70
CA GLY A 110 -5.83 -19.76 -10.01
C GLY A 110 -4.70 -18.71 -9.97
N GLN A 111 -4.97 -17.51 -9.47
CA GLN A 111 -3.91 -16.48 -9.35
C GLN A 111 -4.44 -15.53 -8.26
N HIS A 112 -3.53 -14.72 -7.73
CA HIS A 112 -3.87 -13.77 -6.66
C HIS A 112 -3.97 -12.32 -7.14
N ASP A 113 -3.96 -12.07 -8.45
CA ASP A 113 -4.11 -10.68 -8.89
C ASP A 113 -5.52 -10.20 -8.84
N THR A 114 -6.44 -11.01 -9.33
CA THR A 114 -7.86 -10.58 -9.31
C THR A 114 -8.22 -10.27 -7.85
N VAL A 115 -8.89 -9.14 -7.63
CA VAL A 115 -9.33 -8.78 -6.27
C VAL A 115 -10.59 -9.54 -5.90
N VAL A 116 -10.55 -10.26 -4.75
CA VAL A 116 -11.71 -10.97 -4.26
C VAL A 116 -12.08 -10.39 -2.90
N ASN A 117 -13.24 -9.71 -2.83
CA ASN A 117 -13.67 -9.18 -1.54
C ASN A 117 -14.44 -10.26 -0.74
N GLY A 118 -14.66 -9.99 0.54
CA GLY A 118 -15.40 -10.94 1.36
C GLY A 118 -16.38 -10.08 2.17
N LEU A 119 -17.66 -10.41 2.06
CA LEU A 119 -18.71 -9.61 2.70
C LEU A 119 -18.82 -9.96 4.18
N ILE A 120 -18.60 -8.94 5.02
CA ILE A 120 -18.77 -9.02 6.44
C ILE A 120 -19.51 -7.74 6.87
N SER A 121 -20.17 -7.81 8.04
CA SER A 121 -21.24 -6.85 8.27
C SER A 121 -21.16 -6.20 9.65
N PRO A 122 -21.65 -4.94 9.77
CA PRO A 122 -21.82 -4.23 11.03
C PRO A 122 -22.65 -5.06 12.04
N THR A 123 -22.36 -4.87 13.31
CA THR A 123 -23.05 -5.56 14.38
C THR A 123 -23.65 -4.59 15.38
N GLY A 124 -23.35 -3.30 15.23
CA GLY A 124 -23.65 -2.34 16.26
C GLY A 124 -22.55 -2.23 17.32
N LYS A 125 -21.52 -3.07 17.26
CA LYS A 125 -20.50 -3.07 18.31
C LYS A 125 -19.15 -2.83 17.67
N VAL A 126 -18.60 -1.65 17.89
CA VAL A 126 -17.29 -1.34 17.37
C VAL A 126 -16.26 -2.43 17.74
N GLY A 127 -15.50 -2.83 16.72
CA GLY A 127 -14.51 -3.90 16.80
C GLY A 127 -14.97 -5.34 16.50
N TYR A 128 -16.26 -5.51 16.24
CA TYR A 128 -16.87 -6.86 16.06
C TYR A 128 -17.70 -6.90 14.78
N VAL A 129 -17.52 -7.95 13.95
CA VAL A 129 -18.19 -8.03 12.70
C VAL A 129 -18.88 -9.40 12.51
N LYS A 130 -19.93 -9.42 11.70
CA LYS A 130 -20.68 -10.68 11.44
C LYS A 130 -20.12 -11.29 10.17
N ILE A 131 -19.80 -12.56 10.23
CA ILE A 131 -19.11 -13.26 9.12
C ILE A 131 -19.89 -14.42 8.58
N SER A 132 -21.05 -14.71 9.17
CA SER A 132 -21.92 -15.80 8.71
C SER A 132 -22.81 -15.25 7.57
N THR A 133 -22.17 -14.95 6.41
CA THR A 133 -22.88 -14.24 5.35
C THR A 133 -23.05 -15.15 4.11
N GLY A 134 -22.78 -16.45 4.26
CA GLY A 134 -23.01 -17.39 3.17
C GLY A 134 -24.48 -17.85 3.14
N PRO A 135 -24.86 -18.63 2.13
CA PRO A 135 -26.29 -18.93 1.91
C PRO A 135 -26.96 -19.65 3.09
N LEU A 136 -26.36 -20.72 3.60
CA LEU A 136 -26.94 -21.38 4.81
C LEU A 136 -26.62 -20.57 6.08
N SER A 137 -25.38 -20.11 6.19
CA SER A 137 -24.94 -19.48 7.49
C SER A 137 -25.68 -18.17 7.74
N SER A 138 -26.05 -17.44 6.68
CA SER A 138 -26.88 -16.21 6.85
C SER A 138 -28.20 -16.49 7.53
N GLN A 139 -28.68 -17.75 7.49
CA GLN A 139 -29.91 -18.02 8.23
C GLN A 139 -29.81 -18.60 9.59
N GLN A 140 -28.62 -18.68 10.13
CA GLN A 140 -28.42 -19.25 11.45
C GLN A 140 -28.06 -18.09 12.38
N LYS A 141 -27.89 -18.39 13.66
CA LYS A 141 -27.39 -17.41 14.60
C LYS A 141 -26.15 -16.74 14.07
N ASP A 142 -26.05 -15.42 14.25
CA ASP A 142 -24.87 -14.71 13.73
C ASP A 142 -23.55 -15.19 14.31
N ALA A 143 -22.57 -15.33 13.44
CA ALA A 143 -21.18 -15.56 13.87
C ALA A 143 -20.53 -14.19 13.95
N ILE A 144 -20.20 -13.77 15.17
CA ILE A 144 -19.63 -12.40 15.41
C ILE A 144 -18.23 -12.57 15.98
N VAL A 145 -17.28 -11.87 15.38
CA VAL A 145 -15.87 -12.13 15.70
C VAL A 145 -15.13 -10.82 15.67
N PRO A 146 -13.93 -10.82 16.24
CA PRO A 146 -13.17 -9.57 16.24
C PRO A 146 -12.77 -9.20 14.83
N VAL A 147 -12.74 -7.90 14.54
CA VAL A 147 -12.32 -7.43 13.21
C VAL A 147 -10.97 -8.03 12.79
N THR A 148 -9.95 -7.95 13.67
CA THR A 148 -8.63 -8.44 13.30
C THR A 148 -8.68 -9.93 12.95
N THR A 149 -9.46 -10.66 13.73
CA THR A 149 -9.60 -12.11 13.44
C THR A 149 -10.31 -12.33 12.12
N ALA A 150 -11.37 -11.56 11.78
CA ALA A 150 -12.05 -11.73 10.47
C ALA A 150 -11.11 -11.40 9.33
N ILE A 151 -10.28 -10.37 9.50
CA ILE A 151 -9.28 -10.05 8.45
C ILE A 151 -8.30 -11.22 8.27
N ALA A 152 -7.81 -11.75 9.39
CA ALA A 152 -6.85 -12.84 9.27
C ALA A 152 -7.50 -14.06 8.57
N LEU A 154 -10.02 -13.99 6.35
CA LEU A 154 -10.10 -13.61 4.90
C LEU A 154 -8.74 -13.83 4.21
N LYS A 155 -7.65 -13.38 4.87
CA LYS A 155 -6.30 -13.63 4.28
C LYS A 155 -6.02 -15.12 4.14
N ASP A 156 -6.33 -15.89 5.19
CA ASP A 156 -6.11 -17.33 5.17
C ASP A 156 -6.90 -17.96 4.02
N GLY A 158 -7.47 -16.55 1.07
CA GLY A 158 -7.09 -16.06 -0.27
C GLY A 158 -7.77 -14.72 -0.59
N GLY A 159 -8.46 -14.12 0.38
CA GLY A 159 -9.23 -12.89 0.05
C GLY A 159 -8.31 -11.68 -0.06
N SER A 160 -8.77 -10.67 -0.80
CA SER A 160 -7.95 -9.43 -1.00
C SER A 160 -8.42 -8.24 -0.15
N SER A 161 -9.71 -8.21 0.16
CA SER A 161 -10.36 -7.02 0.79
C SER A 161 -11.58 -7.38 1.61
N VAL A 162 -11.93 -6.48 2.49
CA VAL A 162 -13.19 -6.59 3.21
C VAL A 162 -14.24 -5.79 2.42
N LYS A 163 -15.41 -6.41 2.15
CA LYS A 163 -16.53 -5.60 1.70
C LYS A 163 -17.39 -5.38 2.97
N PHE A 164 -17.51 -4.14 3.44
CA PHE A 164 -18.18 -3.88 4.68
C PHE A 164 -19.56 -3.42 4.28
N PHE A 165 -20.56 -4.25 4.57
CA PHE A 165 -21.89 -4.05 4.02
C PHE A 165 -22.89 -4.68 4.95
N PRO A 166 -24.07 -4.10 5.12
CA PRO A 166 -24.59 -2.80 4.61
C PRO A 166 -24.15 -1.66 5.51
N ASN A 168 -25.23 1.45 5.41
CA ASN A 168 -26.21 2.55 5.57
C ASN A 168 -25.54 3.93 5.65
N GLY A 169 -24.71 4.27 4.65
CA GLY A 169 -24.08 5.59 4.58
C GLY A 169 -23.21 5.85 5.77
N LEU A 170 -23.54 6.88 6.56
CA LEU A 170 -22.70 7.23 7.71
C LEU A 170 -23.24 6.62 9.02
N ASP A 171 -24.30 5.86 8.92
CA ASP A 171 -24.95 5.34 10.12
C ASP A 171 -24.06 4.40 10.95
N SER A 172 -23.03 3.80 10.33
CA SER A 172 -22.19 2.85 11.06
C SER A 172 -20.76 3.39 11.08
N ILE A 173 -20.66 4.71 11.22
CA ILE A 173 -19.36 5.39 11.05
C ILE A 173 -18.29 4.95 12.04
N ASP A 174 -18.66 4.84 13.31
CA ASP A 174 -17.69 4.40 14.30
C ASP A 174 -17.21 2.97 14.01
N GLU A 175 -18.14 2.08 13.61
CA GLU A 175 -17.69 0.72 13.24
C GLU A 175 -16.78 0.70 12.00
N TYR A 176 -17.16 1.49 11.01
CA TYR A 176 -16.42 1.60 9.75
C TYR A 176 -15.02 2.11 10.04
N ARG A 177 -14.90 3.10 10.91
CA ARG A 177 -13.63 3.73 11.12
C ARG A 177 -12.67 2.69 11.74
N PHE A 178 -13.21 1.93 12.69
CA PHE A 178 -12.44 0.89 13.34
C PHE A 178 -11.96 -0.12 12.30
N VAL A 179 -12.83 -0.55 11.43
CA VAL A 179 -12.46 -1.54 10.36
C VAL A 179 -11.34 -0.96 9.49
N ALA A 180 -11.49 0.31 9.13
CA ALA A 180 -10.48 1.01 8.34
C ALA A 180 -9.11 1.02 9.04
N GLU A 181 -9.09 1.30 10.35
CA GLU A 181 -7.78 1.31 11.09
C GLU A 181 -7.16 -0.07 11.18
N ALA A 182 -8.03 -1.09 11.31
CA ALA A 182 -7.57 -2.47 11.36
C ALA A 182 -7.06 -2.94 9.97
N CYS A 183 -7.72 -2.52 8.90
CA CYS A 183 -7.21 -2.87 7.55
C CYS A 183 -5.84 -2.21 7.33
N ALA A 184 -5.73 -0.93 7.63
CA ALA A 184 -4.44 -0.21 7.49
C ALA A 184 -3.39 -0.95 8.30
N ALA A 185 -3.72 -1.30 9.54
CA ALA A 185 -2.69 -1.98 10.39
C ALA A 185 -2.20 -3.30 9.78
N THR A 186 -3.11 -4.04 9.14
CA THR A 186 -2.82 -5.39 8.69
C THR A 186 -2.48 -5.41 7.21
N GLY A 187 -2.38 -4.24 6.56
CA GLY A 187 -2.10 -4.23 5.11
C GLY A 187 -3.24 -4.75 4.24
N PHE A 188 -4.48 -4.70 4.74
CA PHE A 188 -5.62 -5.28 3.99
C PHE A 188 -6.46 -4.14 3.38
N TRP A 189 -7.24 -4.46 2.36
CA TRP A 189 -7.96 -3.47 1.57
C TRP A 189 -9.41 -3.41 1.97
N LEU A 190 -10.10 -2.35 1.55
CA LEU A 190 -11.44 -2.11 2.08
C LEU A 190 -12.41 -1.59 1.02
N GLU A 191 -13.64 -2.14 1.02
CA GLU A 191 -14.64 -1.76 0.04
C GLU A 191 -15.91 -1.34 0.77
N PRO A 192 -16.01 -0.05 1.16
CA PRO A 192 -17.25 0.37 1.83
C PRO A 192 -18.43 0.32 0.89
N THR A 193 -19.58 -0.20 1.35
CA THR A 193 -20.69 -0.46 0.41
C THR A 193 -21.98 -0.25 1.21
N GLY A 194 -22.95 0.44 0.57
CA GLY A 194 -24.30 0.54 1.11
C GLY A 194 -24.64 1.94 1.52
N GLY A 195 -25.48 2.59 0.74
CA GLY A 195 -25.96 3.95 1.11
C GLY A 195 -24.99 5.08 0.79
N ILE A 196 -24.00 4.83 -0.09
CA ILE A 196 -23.01 5.85 -0.44
C ILE A 196 -23.67 6.69 -1.53
N ASP A 197 -23.58 8.00 -1.40
CA ASP A 197 -24.12 8.87 -2.45
C ASP A 197 -23.11 9.96 -2.72
N LEU A 198 -23.47 10.94 -3.58
CA LEU A 198 -22.47 11.95 -3.93
C LEU A 198 -22.14 12.88 -2.78
N ASP A 199 -23.02 12.96 -1.79
CA ASP A 199 -22.81 13.88 -0.64
C ASP A 199 -22.03 13.28 0.53
N ASN A 200 -22.02 11.96 0.66
CA ASN A 200 -21.24 11.34 1.77
C ASN A 200 -19.99 10.59 1.27
N PHE A 201 -19.80 10.56 -0.05
CA PHE A 201 -18.72 9.80 -0.66
C PHE A 201 -17.41 10.33 -0.18
N GLU A 202 -17.17 11.66 -0.28
CA GLU A 202 -15.86 12.16 0.15
C GLU A 202 -15.53 11.77 1.61
N GLN A 203 -16.49 11.96 2.51
CA GLN A 203 -16.18 11.69 3.89
C GLN A 203 -15.90 10.18 4.10
N ILE A 204 -16.66 9.33 3.45
CA ILE A 204 -16.50 7.91 3.62
C ILE A 204 -15.13 7.41 3.12
N VAL A 205 -14.75 7.88 1.93
CA VAL A 205 -13.42 7.59 1.43
C VAL A 205 -12.31 8.25 2.25
N GLN A 206 -12.50 9.48 2.71
CA GLN A 206 -11.45 10.15 3.43
C GLN A 206 -11.17 9.36 4.73
N ILE A 207 -12.22 8.84 5.37
CA ILE A 207 -11.98 8.05 6.60
C ILE A 207 -11.00 6.92 6.35
N ALA A 208 -11.19 6.21 5.23
CA ALA A 208 -10.30 5.08 4.89
C ALA A 208 -8.89 5.60 4.58
N LEU A 209 -8.78 6.70 3.82
CA LEU A 209 -7.46 7.24 3.52
C LEU A 209 -6.75 7.73 4.78
N ASP A 210 -7.48 8.40 5.70
CA ASP A 210 -6.84 8.92 6.93
C ASP A 210 -6.37 7.77 7.85
N ALA A 211 -7.11 6.64 7.86
CA ALA A 211 -6.67 5.41 8.55
C ALA A 211 -5.39 4.79 7.96
N GLY A 212 -5.18 5.01 6.66
CA GLY A 212 -3.96 4.53 5.99
C GLY A 212 -4.27 3.29 5.11
N VAL A 213 -5.55 3.03 4.84
CA VAL A 213 -5.88 1.89 3.97
C VAL A 213 -5.21 2.03 2.57
N THR A 214 -4.47 1.01 2.15
CA THR A 214 -3.66 1.05 0.94
C THR A 214 -4.49 1.08 -0.36
N LYS A 215 -5.54 0.25 -0.43
CA LYS A 215 -6.46 0.30 -1.57
C LYS A 215 -7.86 0.37 -1.06
N VAL A 216 -8.62 1.30 -1.64
CA VAL A 216 -10.00 1.49 -1.24
C VAL A 216 -10.86 1.38 -2.48
N ILE A 217 -11.92 0.57 -2.42
CA ILE A 217 -12.78 0.34 -3.60
C ILE A 217 -14.21 0.64 -3.11
N PRO A 218 -14.63 1.92 -3.18
CA PRO A 218 -15.98 2.22 -2.67
C PRO A 218 -17.01 1.79 -3.70
N HIS A 219 -18.18 1.34 -3.24
CA HIS A 219 -19.22 0.93 -4.17
C HIS A 219 -20.31 1.97 -4.15
N ILE A 220 -20.78 2.39 -5.32
CA ILE A 220 -21.83 3.42 -5.42
C ILE A 220 -22.89 2.97 -6.40
N TYR A 221 -24.08 2.69 -5.90
CA TYR A 221 -25.09 1.95 -6.63
C TYR A 221 -26.32 2.86 -6.81
N SER A 222 -27.45 2.57 -6.14
CA SER A 222 -28.70 3.18 -6.61
C SER A 222 -28.72 4.72 -6.56
N SER A 223 -27.92 5.35 -5.67
CA SER A 223 -27.92 6.78 -5.55
C SER A 223 -27.42 7.47 -6.86
N ILE A 224 -26.73 6.73 -7.71
CA ILE A 224 -26.24 7.26 -9.03
C ILE A 224 -26.84 6.60 -10.24
N ILE A 225 -27.90 5.84 -10.01
CA ILE A 225 -28.52 5.09 -11.08
C ILE A 225 -29.86 5.78 -11.43
N ASP A 226 -30.08 6.00 -12.73
CA ASP A 226 -31.38 6.53 -13.23
C ASP A 226 -32.38 5.40 -13.21
N SER A 227 -33.40 5.47 -12.34
CA SER A 227 -34.31 4.31 -12.20
C SER A 227 -35.15 4.09 -13.47
N LYS A 228 -35.32 5.14 -14.29
CA LYS A 228 -36.08 5.02 -15.55
C LYS A 228 -35.40 4.08 -16.56
N THR A 229 -34.06 4.11 -16.60
CA THR A 229 -33.26 3.33 -17.58
C THR A 229 -32.48 2.18 -16.97
N GLY A 230 -32.28 2.21 -15.63
CA GLY A 230 -31.37 1.28 -14.96
C GLY A 230 -29.88 1.64 -15.15
N ASN A 231 -29.60 2.75 -15.79
CA ASN A 231 -28.22 3.10 -16.11
C ASN A 231 -27.57 4.01 -15.09
N THR A 232 -26.34 3.66 -14.72
CA THR A 232 -25.54 4.56 -13.89
C THR A 232 -25.24 5.85 -14.64
N ARG A 233 -25.46 7.00 -13.99
CA ARG A 233 -25.27 8.29 -14.65
C ARG A 233 -23.81 8.58 -14.87
N PRO A 234 -23.36 8.67 -16.14
CA PRO A 234 -21.94 8.97 -16.36
C PRO A 234 -21.54 10.30 -15.77
N GLU A 235 -22.46 11.27 -15.67
CA GLU A 235 -22.03 12.53 -15.02
C GLU A 235 -21.81 12.40 -13.46
N ASP A 236 -22.55 11.46 -12.86
CA ASP A 236 -22.34 11.14 -11.43
C ASP A 236 -20.96 10.44 -11.23
N VAL A 237 -20.55 9.65 -12.21
CA VAL A 237 -19.26 9.01 -12.15
C VAL A 237 -18.18 10.09 -12.28
N LYS A 238 -18.36 11.03 -13.19
CA LYS A 238 -17.37 12.16 -13.25
C LYS A 238 -17.26 12.94 -11.92
N THR A 239 -18.40 13.20 -11.25
CA THR A 239 -18.41 13.95 -10.00
C THR A 239 -17.61 13.13 -8.94
N LEU A 240 -17.82 11.81 -8.94
CA LEU A 240 -17.01 10.93 -8.06
C LEU A 240 -15.53 10.97 -8.37
N LEU A 241 -15.16 10.76 -9.64
CA LEU A 241 -13.77 10.93 -10.04
C LEU A 241 -13.14 12.25 -9.52
N ASP A 242 -13.82 13.39 -9.77
CA ASP A 242 -13.29 14.65 -9.33
C ASP A 242 -13.03 14.67 -7.80
N ILE A 243 -13.92 14.09 -6.99
CA ILE A 243 -13.64 14.00 -5.53
C ILE A 243 -12.38 13.15 -5.28
N VAL A 244 -12.30 12.02 -5.98
CA VAL A 244 -11.14 11.14 -5.82
C VAL A 244 -9.84 11.96 -6.11
N LYS A 245 -9.84 12.68 -7.25
CA LYS A 245 -8.63 13.45 -7.59
C LYS A 245 -8.32 14.52 -6.56
N LYS A 246 -9.36 15.03 -5.92
CA LYS A 246 -9.17 16.07 -4.88
C LYS A 246 -8.52 15.46 -3.67
N ILE A 247 -8.99 14.29 -3.26
CA ILE A 247 -8.56 13.79 -1.94
C ILE A 247 -7.39 12.82 -1.98
N VAL A 248 -7.18 12.17 -3.13
CA VAL A 248 -6.02 11.27 -3.29
C VAL A 248 -4.84 12.06 -3.84
N GLN A 249 -3.91 12.42 -2.96
CA GLN A 249 -2.96 13.46 -3.27
C GLN A 249 -1.51 13.10 -2.93
N LYS B 5 15.07 -4.16 -11.82
CA LYS B 5 13.98 -3.51 -11.11
C LYS B 5 14.40 -2.24 -10.33
N LEU B 6 13.56 -1.20 -10.33
CA LEU B 6 13.90 0.10 -9.70
C LEU B 6 13.17 0.34 -8.42
N THR B 7 12.28 -0.61 -8.02
CA THR B 7 11.63 -0.54 -6.70
C THR B 7 12.18 -1.65 -5.77
N PRO B 8 12.29 -1.36 -4.45
CA PRO B 8 12.77 -2.42 -3.54
C PRO B 8 11.87 -3.66 -3.50
N ASN B 9 12.49 -4.80 -3.08
CA ASN B 9 11.73 -6.03 -2.99
C ASN B 9 11.11 -6.14 -1.60
N TYR B 10 10.00 -5.45 -1.36
CA TYR B 10 9.38 -5.46 -0.03
C TYR B 10 8.82 -6.84 0.22
N TYR B 11 8.95 -7.31 1.44
CA TYR B 11 8.31 -8.57 1.84
C TYR B 11 6.84 -8.30 1.97
N ARG B 12 6.04 -9.13 1.28
CA ARG B 12 4.59 -8.96 1.24
C ARG B 12 4.18 -7.54 0.97
N ASP B 13 4.93 -6.87 0.10
CA ASP B 13 4.73 -5.47 -0.24
C ASP B 13 4.72 -4.47 0.91
N ARG B 14 5.34 -4.79 2.03
CA ARG B 14 5.21 -3.94 3.20
C ARG B 14 6.60 -3.52 3.77
N VAL B 15 7.54 -4.47 3.85
CA VAL B 15 8.78 -4.18 4.62
C VAL B 15 10.01 -4.60 3.86
N CYS B 16 10.98 -3.71 3.77
CA CYS B 16 12.23 -4.09 3.15
C CYS B 16 13.37 -3.66 4.09
N LEU B 17 14.31 -4.55 4.37
CA LEU B 17 15.44 -4.17 5.24
C LEU B 17 16.40 -3.25 4.51
N ASN B 18 17.15 -2.42 5.27
CA ASN B 18 18.23 -1.67 4.66
C ASN B 18 19.46 -1.85 5.55
N VAL B 19 20.56 -2.41 5.01
CA VAL B 19 21.72 -2.72 5.83
C VAL B 19 22.93 -2.40 4.96
N LEU B 20 24.09 -2.23 5.59
CA LEU B 20 25.29 -1.87 4.82
C LEU B 20 26.04 -3.15 4.41
N ALA B 21 26.73 -3.09 3.27
CA ALA B 21 27.65 -4.17 2.90
C ALA B 21 29.07 -3.83 3.27
N GLY B 22 29.83 -4.83 3.74
CA GLY B 22 31.27 -4.63 4.03
C GLY B 22 32.15 -4.88 2.84
N SER B 23 31.58 -5.48 1.80
CA SER B 23 32.33 -5.85 0.62
C SER B 23 31.34 -6.32 -0.43
N LYS B 24 31.84 -6.61 -1.63
CA LYS B 24 30.95 -7.24 -2.60
C LYS B 24 30.49 -8.64 -2.24
N ASP B 25 31.38 -9.47 -1.74
CA ASP B 25 30.96 -10.82 -1.30
C ASP B 25 29.93 -10.71 -0.14
N ASN B 26 30.11 -9.75 0.75
CA ASN B 26 29.11 -9.59 1.85
C ASN B 26 27.73 -9.16 1.30
N ALA B 27 27.73 -8.33 0.25
CA ALA B 27 26.48 -7.90 -0.40
C ALA B 27 25.69 -9.09 -0.94
N ARG B 28 26.40 -10.04 -1.57
CA ARG B 28 25.80 -11.28 -2.08
C ARG B 28 25.26 -12.09 -0.93
N ALA B 29 26.02 -12.26 0.12
CA ALA B 29 25.53 -13.06 1.22
C ALA B 29 24.29 -12.46 1.91
N ILE B 30 24.28 -11.14 2.06
CA ILE B 30 23.19 -10.41 2.70
C ILE B 30 21.94 -10.57 1.87
N TYR B 31 22.11 -10.36 0.57
CA TYR B 31 21.01 -10.49 -0.39
C TYR B 31 20.36 -11.88 -0.33
N GLN B 32 21.20 -12.90 -0.20
CA GLN B 32 20.68 -14.28 -0.10
C GLN B 32 20.04 -14.49 1.29
N ALA B 33 20.70 -14.05 2.35
CA ALA B 33 20.15 -14.20 3.67
C ALA B 33 18.73 -13.55 3.83
N ALA B 34 18.53 -12.40 3.17
CA ALA B 34 17.25 -11.70 3.30
C ALA B 34 16.21 -12.24 2.33
N GLU B 35 16.56 -13.30 1.60
CA GLU B 35 15.70 -13.81 0.49
C GLU B 35 15.27 -12.67 -0.48
N GLY B 36 16.20 -11.74 -0.69
CA GLY B 36 15.94 -10.64 -1.62
C GLY B 36 15.30 -9.40 -1.01
N HIS B 37 14.81 -9.52 0.22
CA HIS B 37 13.98 -8.45 0.86
C HIS B 37 14.87 -7.44 1.59
N VAL B 38 15.84 -6.93 0.84
CA VAL B 38 16.87 -6.06 1.46
C VAL B 38 17.35 -5.06 0.43
N LEU B 39 17.77 -3.88 0.91
CA LEU B 39 18.51 -2.92 0.14
C LEU B 39 19.86 -2.83 0.74
N VAL B 40 20.90 -2.98 -0.10
CA VAL B 40 22.25 -3.03 0.41
C VAL B 40 22.90 -1.67 0.25
N GLY B 41 23.34 -1.06 1.35
CA GLY B 41 23.85 0.34 1.34
C GLY B 41 25.34 0.38 0.98
N VAL B 42 25.68 1.25 0.04
CA VAL B 42 27.02 1.49 -0.41
C VAL B 42 27.19 2.99 -0.31
N LEU B 43 28.30 3.44 0.32
CA LEU B 43 28.44 4.84 0.73
C LEU B 43 29.17 5.70 -0.30
N SER B 44 28.57 6.80 -0.73
CA SER B 44 29.26 7.73 -1.69
C SER B 44 30.60 8.20 -1.13
N LYS B 45 30.64 8.38 0.18
CA LYS B 45 31.81 8.91 0.93
C LYS B 45 33.07 8.01 0.77
N ASN B 46 32.89 6.78 0.26
CA ASN B 46 34.04 5.87 0.03
C ASN B 46 34.78 5.97 -1.29
N TYR B 47 34.39 6.92 -2.11
CA TYR B 47 34.90 7.06 -3.46
C TYR B 47 35.40 8.47 -3.58
N PRO B 48 36.47 8.68 -4.34
CA PRO B 48 37.01 10.04 -4.54
C PRO B 48 36.16 10.89 -5.54
N ASP B 49 35.34 10.26 -6.36
CA ASP B 49 34.57 11.05 -7.31
C ASP B 49 33.39 10.24 -7.79
N VAL B 50 32.51 10.92 -8.55
CA VAL B 50 31.30 10.32 -9.07
C VAL B 50 31.59 9.13 -9.98
N ASP B 51 32.55 9.28 -10.90
CA ASP B 51 32.80 8.18 -11.88
C ASP B 51 33.19 6.87 -11.21
N SER B 52 34.09 6.93 -10.23
CA SER B 52 34.50 5.78 -9.49
C SER B 52 33.37 5.16 -8.65
N ALA B 53 32.60 6.02 -7.97
CA ALA B 53 31.40 5.55 -7.25
C ALA B 53 30.38 4.87 -8.18
N VAL B 54 30.10 5.48 -9.35
CA VAL B 54 29.08 4.91 -10.26
C VAL B 54 29.56 3.53 -10.71
N LYS B 55 30.86 3.45 -11.05
CA LYS B 55 31.40 2.16 -11.56
C LYS B 55 31.24 1.08 -10.51
N ASP B 56 31.64 1.39 -9.29
CA ASP B 56 31.72 0.34 -8.29
C ASP B 56 30.30 -0.04 -7.88
N ARG B 58 27.63 -0.01 -9.74
CA ARG B 58 27.00 -0.85 -10.78
C ARG B 58 27.51 -2.29 -10.61
N GLU B 59 28.81 -2.46 -10.27
CA GLU B 59 29.33 -3.79 -9.89
C GLU B 59 28.55 -4.43 -8.75
N TYR B 60 28.33 -3.68 -7.66
CA TYR B 60 27.43 -4.17 -6.59
C TYR B 60 26.03 -4.46 -7.12
N ALA B 61 25.45 -3.52 -7.89
CA ALA B 61 24.06 -3.68 -8.40
C ALA B 61 23.89 -4.98 -9.16
N ALA B 62 24.91 -5.35 -9.95
CA ALA B 62 24.83 -6.56 -10.77
C ALA B 62 24.78 -7.82 -9.94
N LEU B 63 25.47 -7.84 -8.81
CA LEU B 63 25.43 -9.03 -7.90
C LEU B 63 24.12 -9.23 -7.22
N ILE B 64 23.31 -8.14 -7.07
CA ILE B 64 22.10 -8.21 -6.23
C ILE B 64 20.83 -7.67 -6.88
N ASP B 65 20.77 -7.82 -8.20
CA ASP B 65 19.58 -7.51 -8.94
C ASP B 65 19.14 -6.06 -8.66
N ASN B 66 20.13 -5.16 -8.55
CA ASN B 66 19.87 -3.73 -8.32
C ASN B 66 19.31 -3.34 -6.93
N ALA B 67 19.26 -4.28 -5.97
CA ALA B 67 18.81 -4.01 -4.60
C ALA B 67 19.83 -3.14 -3.85
N LEU B 68 20.09 -1.94 -4.37
CA LEU B 68 21.23 -1.11 -3.95
C LEU B 68 20.64 0.17 -3.36
N SER B 69 21.18 0.60 -2.22
CA SER B 69 20.85 1.90 -1.58
C SER B 69 22.10 2.81 -1.58
N VAL B 70 21.98 3.95 -2.26
CA VAL B 70 23.11 4.86 -2.36
C VAL B 70 23.16 5.65 -1.09
N GLY B 71 24.30 5.66 -0.40
CA GLY B 71 24.31 6.30 0.94
C GLY B 71 25.02 7.64 0.91
N LEU B 72 24.57 8.61 1.71
CA LEU B 72 25.40 9.78 2.02
C LEU B 72 26.61 9.31 2.87
N GLY B 73 26.36 8.43 3.83
CA GLY B 73 27.38 8.07 4.84
C GLY B 73 26.99 8.77 6.12
N ALA B 74 26.30 8.06 6.99
CA ALA B 74 25.87 8.60 8.29
C ALA B 74 25.01 9.87 8.13
N GLY B 75 24.25 9.98 7.05
CA GLY B 75 23.35 11.12 6.87
C GLY B 75 24.11 12.41 6.50
N ASP B 76 25.38 12.29 6.07
CA ASP B 76 26.24 13.52 5.95
C ASP B 76 25.74 14.39 4.79
N PRO B 77 25.28 15.63 5.11
CA PRO B 77 24.67 16.45 4.06
C PRO B 77 25.70 16.91 3.04
N ARG B 78 26.99 16.90 3.43
CA ARG B 78 28.02 17.34 2.47
C ARG B 78 28.13 16.36 1.29
N GLN B 79 27.51 15.19 1.40
CA GLN B 79 27.47 14.20 0.34
C GLN B 79 26.22 14.26 -0.54
N SER B 80 25.30 15.20 -0.26
CA SER B 80 24.00 15.20 -0.93
C SER B 80 24.12 15.46 -2.47
N VAL B 81 24.97 16.44 -2.88
CA VAL B 81 25.10 16.69 -4.33
C VAL B 81 25.67 15.44 -5.02
N VAL B 83 25.58 12.37 -4.07
CA VAL B 83 24.53 11.34 -4.10
C VAL B 83 23.54 11.54 -5.26
N SER B 84 23.08 12.77 -5.47
CA SER B 84 22.19 13.06 -6.60
C SER B 84 22.88 12.69 -7.95
N GLN B 85 24.16 13.02 -8.07
CA GLN B 85 24.90 12.75 -9.33
C GLN B 85 25.11 11.25 -9.56
N ILE B 86 25.57 10.57 -8.53
CA ILE B 86 25.78 9.13 -8.61
C ILE B 86 24.44 8.48 -8.97
N SER B 87 23.38 8.82 -8.23
CA SER B 87 22.09 8.10 -8.41
C SER B 87 21.51 8.30 -9.84
N GLN B 88 21.72 9.48 -10.39
CA GLN B 88 21.30 9.75 -11.80
C GLN B 88 21.85 8.64 -12.74
N GLN B 89 23.13 8.32 -12.61
CA GLN B 89 23.70 7.31 -13.52
C GLN B 89 23.40 5.86 -13.09
N VAL B 90 23.44 5.61 -11.80
CA VAL B 90 23.33 4.23 -11.31
C VAL B 90 21.90 3.73 -11.41
N GLN B 91 20.89 4.60 -11.20
CA GLN B 91 19.49 4.20 -11.26
C GLN B 91 19.23 3.00 -10.31
N PRO B 92 19.49 3.21 -9.01
CA PRO B 92 19.32 2.13 -8.01
C PRO B 92 17.87 2.04 -7.63
N GLN B 93 17.59 1.10 -6.74
CA GLN B 93 16.29 1.03 -6.14
C GLN B 93 16.04 2.05 -5.02
N HIS B 94 17.11 2.54 -4.42
CA HIS B 94 16.95 3.37 -3.17
C HIS B 94 18.03 4.44 -3.07
N VAL B 95 17.66 5.63 -2.63
CA VAL B 95 18.65 6.73 -2.48
C VAL B 95 18.39 7.37 -1.10
N ASN B 96 19.45 7.61 -0.34
CA ASN B 96 19.38 8.38 0.94
C ASN B 96 19.66 9.82 0.61
N GLN B 97 18.75 10.71 0.99
CA GLN B 97 18.99 12.12 0.85
C GLN B 97 18.67 12.89 2.11
N VAL B 98 19.18 14.13 2.16
CA VAL B 98 18.77 15.09 3.18
C VAL B 98 17.60 15.93 2.61
N PHE B 99 16.92 16.72 3.45
CA PHE B 99 15.64 17.29 3.05
C PHE B 99 15.81 18.17 1.81
N THR B 100 16.92 18.93 1.76
CA THR B 100 17.17 19.86 0.66
C THR B 100 17.71 19.19 -0.58
N GLY B 101 17.98 17.88 -0.53
CA GLY B 101 18.51 17.21 -1.75
C GLY B 101 17.49 16.32 -2.45
N VAL B 102 16.31 16.15 -1.85
CA VAL B 102 15.24 15.27 -2.41
C VAL B 102 14.82 15.72 -3.82
N GLY B 103 14.56 17.02 -4.02
CA GLY B 103 14.06 17.55 -5.32
C GLY B 103 15.07 17.28 -6.44
N ALA B 104 16.33 17.64 -6.19
CA ALA B 104 17.37 17.41 -7.19
C ALA B 104 17.54 15.96 -7.50
N SER B 105 17.45 15.11 -6.46
CA SER B 105 17.67 13.67 -6.68
C SER B 105 16.56 13.08 -7.49
N ARG B 106 15.32 13.43 -7.16
CA ARG B 106 14.19 12.92 -7.92
C ARG B 106 14.31 13.37 -9.38
N ALA B 107 14.52 14.65 -9.58
CA ALA B 107 14.59 15.20 -10.95
C ALA B 107 15.70 14.51 -11.80
N LEU B 108 16.87 14.30 -11.23
CA LEU B 108 17.97 13.68 -11.95
C LEU B 108 17.76 12.16 -12.16
N LEU B 109 17.01 11.51 -11.27
CA LEU B 109 16.69 10.09 -11.54
C LEU B 109 15.77 9.99 -12.81
N GLY B 110 14.89 10.97 -12.98
CA GLY B 110 14.03 11.01 -14.16
C GLY B 110 12.87 10.02 -14.15
N GLN B 111 12.61 9.44 -13.00
CA GLN B 111 11.47 8.58 -12.83
C GLN B 111 11.12 8.58 -11.35
N HIS B 112 9.90 8.15 -11.04
CA HIS B 112 9.41 8.06 -9.64
C HIS B 112 9.41 6.67 -8.98
N ASP B 113 10.06 5.70 -9.58
CA ASP B 113 10.08 4.35 -8.98
C ASP B 113 11.17 4.21 -7.90
N THR B 114 12.37 4.70 -8.21
CA THR B 114 13.47 4.70 -7.20
C THR B 114 12.97 5.38 -5.93
N VAL B 115 13.22 4.79 -4.74
CA VAL B 115 12.66 5.35 -3.50
C VAL B 115 13.64 6.36 -3.07
N VAL B 116 13.19 7.61 -2.89
CA VAL B 116 14.11 8.63 -2.37
C VAL B 116 13.64 9.08 -1.02
N ASN B 117 14.46 8.86 0.01
CA ASN B 117 14.04 9.29 1.37
C ASN B 117 14.54 10.71 1.66
N GLY B 118 14.03 11.32 2.74
CA GLY B 118 14.37 12.68 3.06
C GLY B 118 14.62 12.69 4.55
N LEU B 119 15.86 13.01 4.90
CA LEU B 119 16.26 13.05 6.33
C LEU B 119 15.62 14.23 7.07
N ILE B 120 14.82 13.92 8.09
CA ILE B 120 14.26 14.94 9.03
C ILE B 120 14.44 14.37 10.41
N SER B 121 14.45 15.23 11.43
CA SER B 121 15.02 14.85 12.76
C SER B 121 14.09 15.15 13.91
N PRO B 122 14.12 14.26 14.91
CA PRO B 122 13.44 14.50 16.16
C PRO B 122 13.87 15.82 16.82
N THR B 123 12.92 16.38 17.58
CA THR B 123 13.17 17.64 18.30
C THR B 123 12.95 17.46 19.80
N GLY B 124 12.48 16.28 20.22
CA GLY B 124 12.08 16.11 21.64
C GLY B 124 10.60 16.41 21.93
N LYS B 125 9.85 16.87 20.93
CA LYS B 125 8.41 17.22 21.09
C LYS B 125 7.61 16.53 20.03
N VAL B 126 6.61 15.77 20.47
CA VAL B 126 5.75 15.10 19.53
C VAL B 126 5.06 16.08 18.57
N GLY B 127 5.17 15.78 17.25
CA GLY B 127 4.46 16.51 16.20
C GLY B 127 5.30 17.56 15.53
N TYR B 128 6.56 17.72 15.97
CA TYR B 128 7.45 18.81 15.50
C TYR B 128 8.77 18.21 15.09
N VAL B 129 9.23 18.57 13.88
CA VAL B 129 10.44 17.98 13.32
C VAL B 129 11.38 19.00 12.75
N LYS B 130 12.67 18.67 12.82
CA LYS B 130 13.67 19.57 12.22
C LYS B 130 13.91 19.18 10.76
N ILE B 131 13.85 20.16 9.88
CA ILE B 131 14.01 19.92 8.43
C ILE B 131 15.18 20.65 7.78
N SER B 132 15.91 21.41 8.58
CA SER B 132 17.07 22.16 8.02
C SER B 132 18.28 21.24 8.00
N THR B 133 18.25 20.18 7.18
CA THR B 133 19.23 19.15 7.33
C THR B 133 20.19 19.13 6.14
N GLY B 134 20.17 20.18 5.32
CA GLY B 134 21.11 20.27 4.22
C GLY B 134 22.49 20.80 4.68
N PRO B 135 23.42 20.91 3.73
CA PRO B 135 24.81 21.21 4.15
C PRO B 135 24.96 22.58 4.76
N LEU B 136 24.39 23.61 4.17
CA LEU B 136 24.39 24.95 4.77
C LEU B 136 23.30 25.10 5.82
N SER B 137 22.09 24.55 5.56
CA SER B 137 20.99 24.85 6.46
C SER B 137 21.23 24.15 7.79
N SER B 138 21.98 23.03 7.77
CA SER B 138 22.24 22.33 9.04
C SER B 138 23.09 23.18 9.98
N GLN B 139 23.73 24.23 9.45
CA GLN B 139 24.58 25.14 10.27
C GLN B 139 23.88 26.37 10.77
N GLN B 140 22.60 26.51 10.39
CA GLN B 140 21.83 27.68 10.78
C GLN B 140 20.87 27.32 11.91
N LYS B 141 20.14 28.33 12.42
CA LYS B 141 19.20 28.05 13.51
C LYS B 141 18.20 27.01 12.99
N ASP B 142 17.76 26.08 13.85
CA ASP B 142 16.93 24.97 13.30
C ASP B 142 15.61 25.40 12.69
N ALA B 143 15.24 24.75 11.59
CA ALA B 143 13.89 24.88 11.00
C ALA B 143 13.02 23.79 11.60
N ILE B 144 12.09 24.19 12.47
CA ILE B 144 11.26 23.20 13.18
C ILE B 144 9.84 23.47 12.78
N VAL B 145 9.18 22.45 12.24
CA VAL B 145 7.88 22.59 11.55
C VAL B 145 6.99 21.41 11.98
N PRO B 146 5.71 21.54 11.75
CA PRO B 146 4.82 20.40 12.02
C PRO B 146 5.14 19.17 11.14
N VAL B 147 4.97 17.99 11.70
CA VAL B 147 5.20 16.73 10.98
C VAL B 147 4.39 16.67 9.66
N THR B 148 3.10 17.00 9.74
CA THR B 148 2.26 16.88 8.52
C THR B 148 2.78 17.76 7.40
N THR B 149 3.23 18.94 7.76
CA THR B 149 3.73 19.93 6.77
C THR B 149 5.06 19.43 6.21
N ALA B 150 5.90 18.85 7.05
CA ALA B 150 7.20 18.34 6.57
C ALA B 150 6.97 17.24 5.54
N ILE B 151 6.01 16.34 5.82
CA ILE B 151 5.68 15.29 4.89
C ILE B 151 5.15 15.86 3.55
N ALA B 152 4.23 16.81 3.64
CA ALA B 152 3.65 17.42 2.43
C ALA B 152 4.80 18.07 1.58
N LEU B 154 8.05 17.11 1.58
CA LEU B 154 8.79 15.98 0.95
C LEU B 154 8.07 15.46 -0.29
N LYS B 155 6.74 15.31 -0.16
CA LYS B 155 5.93 14.86 -1.31
C LYS B 155 6.02 15.89 -2.41
N ASP B 156 5.83 17.17 -2.06
CA ASP B 156 5.99 18.23 -3.09
C ASP B 156 7.32 18.18 -3.82
N GLY B 158 9.05 15.50 -4.49
CA GLY B 158 9.21 14.23 -5.25
C GLY B 158 9.72 13.10 -4.35
N GLY B 159 9.78 13.33 -3.02
CA GLY B 159 10.29 12.29 -2.12
C GLY B 159 9.35 11.09 -2.07
N SER B 160 9.90 9.95 -1.61
CA SER B 160 9.10 8.77 -1.33
C SER B 160 8.78 8.51 0.14
N SER B 161 9.71 8.83 1.02
CA SER B 161 9.63 8.36 2.40
C SER B 161 10.36 9.33 3.31
N VAL B 162 9.98 9.31 4.58
CA VAL B 162 10.74 10.07 5.57
C VAL B 162 11.88 9.17 6.08
N LYS B 163 13.10 9.67 6.15
CA LYS B 163 14.05 8.99 7.00
C LYS B 163 14.03 9.75 8.35
N PHE B 164 13.69 9.08 9.45
CA PHE B 164 13.52 9.74 10.73
C PHE B 164 14.80 9.38 11.46
N PHE B 165 15.66 10.39 11.59
CA PHE B 165 17.01 10.12 12.08
C PHE B 165 17.50 11.36 12.82
N PRO B 166 18.31 11.19 13.87
CA PRO B 166 18.74 9.93 14.54
C PRO B 166 17.68 9.52 15.55
N ASN B 168 18.02 7.12 17.90
CA ASN B 168 18.56 6.61 19.20
C ASN B 168 17.69 5.47 19.75
N GLY B 169 17.39 4.49 18.90
CA GLY B 169 16.67 3.27 19.27
C GLY B 169 15.27 3.64 19.68
N LEU B 170 14.94 3.41 20.95
CA LEU B 170 13.59 3.74 21.45
C LEU B 170 13.48 5.11 22.10
N ASP B 171 14.54 5.87 22.10
CA ASP B 171 14.57 7.13 22.88
C ASP B 171 13.60 8.15 22.32
N SER B 172 13.20 8.01 21.05
CA SER B 172 12.30 9.01 20.48
C SER B 172 10.97 8.36 20.04
N ILE B 173 10.49 7.41 20.83
CA ILE B 173 9.43 6.55 20.37
C ILE B 173 8.08 7.25 20.20
N ASP B 174 7.74 8.16 21.10
CA ASP B 174 6.43 8.85 20.96
C ASP B 174 6.47 9.76 19.71
N GLU B 175 7.64 10.39 19.45
CA GLU B 175 7.73 11.25 18.26
C GLU B 175 7.64 10.43 17.00
N TYR B 176 8.29 9.27 17.04
CA TYR B 176 8.33 8.32 15.90
C TYR B 176 6.91 7.79 15.61
N ARG B 177 6.18 7.47 16.65
CA ARG B 177 4.82 6.93 16.46
C ARG B 177 3.92 7.96 15.79
N PHE B 178 4.10 9.22 16.15
CA PHE B 178 3.27 10.34 15.61
C PHE B 178 3.64 10.52 14.14
N VAL B 179 4.94 10.47 13.85
CA VAL B 179 5.37 10.47 12.43
C VAL B 179 4.78 9.31 11.61
N ALA B 180 4.78 8.11 12.19
CA ALA B 180 4.24 6.95 11.48
C ALA B 180 2.72 7.17 11.21
N GLU B 181 2.00 7.67 12.20
CA GLU B 181 0.54 7.88 12.04
C GLU B 181 0.33 8.92 10.95
N ALA B 182 1.15 9.98 10.96
CA ALA B 182 1.04 10.96 9.86
C ALA B 182 1.41 10.43 8.46
N CYS B 183 2.45 9.59 8.36
CA CYS B 183 2.77 8.88 7.12
C CYS B 183 1.60 8.01 6.61
N ALA B 184 0.98 7.29 7.52
CA ALA B 184 -0.16 6.42 7.10
C ALA B 184 -1.28 7.26 6.47
N ALA B 185 -1.56 8.40 7.11
CA ALA B 185 -2.65 9.32 6.66
C ALA B 185 -2.37 10.02 5.37
N THR B 186 -1.12 10.00 4.89
CA THR B 186 -0.77 10.76 3.71
C THR B 186 -0.25 9.84 2.62
N GLY B 187 -0.34 8.51 2.83
CA GLY B 187 0.25 7.60 1.88
C GLY B 187 1.79 7.62 1.83
N PHE B 188 2.45 8.12 2.85
CA PHE B 188 3.91 8.34 2.72
C PHE B 188 4.60 7.22 3.44
N TRP B 189 5.83 6.92 3.00
CA TRP B 189 6.58 5.76 3.55
C TRP B 189 7.61 6.18 4.62
N LEU B 190 8.13 5.23 5.36
CA LEU B 190 8.87 5.57 6.58
C LEU B 190 10.12 4.69 6.78
N GLU B 191 11.25 5.35 7.10
CA GLU B 191 12.51 4.69 7.28
C GLU B 191 13.11 5.03 8.64
N PRO B 192 12.75 4.25 9.66
CA PRO B 192 13.38 4.50 10.96
C PRO B 192 14.89 4.17 10.91
N THR B 193 15.70 5.09 11.44
CA THR B 193 17.17 4.95 11.36
C THR B 193 17.82 5.49 12.63
N GLY B 194 18.80 4.74 13.14
CA GLY B 194 19.68 5.25 14.23
C GLY B 194 19.43 4.43 15.49
N GLY B 195 20.43 3.61 15.83
CA GLY B 195 20.42 2.77 17.01
C GLY B 195 19.43 1.60 16.97
N ILE B 196 18.98 1.22 15.77
CA ILE B 196 18.09 0.07 15.67
C ILE B 196 18.95 -1.19 15.83
N ASP B 197 18.42 -2.18 16.52
CA ASP B 197 19.20 -3.40 16.79
C ASP B 197 18.32 -4.64 16.89
N LEU B 198 18.90 -5.78 17.23
CA LEU B 198 18.09 -7.01 17.24
C LEU B 198 17.05 -6.98 18.35
N ASP B 199 17.29 -6.19 19.40
CA ASP B 199 16.33 -6.09 20.56
C ASP B 199 15.16 -5.14 20.34
N ASN B 200 15.38 -4.04 19.61
CA ASN B 200 14.30 -3.07 19.44
C ASN B 200 13.65 -3.12 18.08
N PHE B 201 14.15 -3.93 17.17
CA PHE B 201 13.71 -3.84 15.78
C PHE B 201 12.22 -4.24 15.67
N GLU B 202 11.84 -5.34 16.33
CA GLU B 202 10.45 -5.76 16.20
C GLU B 202 9.50 -4.62 16.63
N GLN B 203 9.71 -4.05 17.79
CA GLN B 203 8.80 -3.01 18.26
C GLN B 203 8.76 -1.81 17.31
N ILE B 204 9.96 -1.37 16.91
CA ILE B 204 10.02 -0.22 16.00
C ILE B 204 9.26 -0.46 14.67
N VAL B 205 9.45 -1.59 14.04
CA VAL B 205 8.69 -1.88 12.84
C VAL B 205 7.20 -2.04 13.20
N GLN B 206 6.88 -2.77 14.27
CA GLN B 206 5.47 -3.03 14.64
C GLN B 206 4.75 -1.69 14.82
N ILE B 207 5.42 -0.72 15.41
CA ILE B 207 4.74 0.61 15.62
C ILE B 207 4.30 1.21 14.21
N ALA B 208 5.20 1.11 13.24
CA ALA B 208 4.89 1.63 11.88
C ALA B 208 3.77 0.83 11.23
N LEU B 209 3.84 -0.50 11.34
CA LEU B 209 2.78 -1.36 10.83
C LEU B 209 1.40 -1.05 11.44
N ASP B 210 1.34 -0.95 12.75
CA ASP B 210 0.08 -0.69 13.48
C ASP B 210 -0.45 0.68 13.18
N ALA B 211 0.43 1.64 12.88
CA ALA B 211 -0.01 2.99 12.55
C ALA B 211 -0.62 3.00 11.13
N GLY B 212 -0.32 2.00 10.33
CA GLY B 212 -0.90 1.94 8.97
C GLY B 212 0.04 2.40 7.89
N VAL B 213 1.34 2.45 8.18
CA VAL B 213 2.32 2.80 7.16
C VAL B 213 2.39 1.76 6.03
N THR B 214 2.23 2.22 4.79
CA THR B 214 2.22 1.27 3.64
C THR B 214 3.53 0.51 3.43
N LYS B 215 4.65 1.25 3.39
CA LYS B 215 5.98 0.63 3.24
C LYS B 215 6.93 1.16 4.29
N VAL B 216 7.71 0.26 4.87
CA VAL B 216 8.62 0.62 5.96
C VAL B 216 9.96 0.07 5.59
N ILE B 217 10.99 0.92 5.69
CA ILE B 217 12.33 0.47 5.30
C ILE B 217 13.21 0.77 6.53
N PRO B 218 13.28 -0.19 7.47
CA PRO B 218 14.16 0.04 8.62
C PRO B 218 15.62 -0.11 8.21
N HIS B 219 16.49 0.69 8.81
CA HIS B 219 17.92 0.63 8.62
C HIS B 219 18.58 0.07 9.88
N ILE B 220 19.46 -0.90 9.65
CA ILE B 220 20.06 -1.56 10.80
C ILE B 220 21.56 -1.68 10.46
N TYR B 221 22.37 -1.01 11.24
CA TYR B 221 23.79 -0.81 10.92
C TYR B 221 24.72 -1.43 11.98
N SER B 222 25.40 -0.63 12.82
CA SER B 222 26.59 -1.13 13.61
C SER B 222 26.18 -2.33 14.51
N SER B 223 24.90 -2.37 14.89
CA SER B 223 24.38 -3.42 15.81
C SER B 223 24.36 -4.82 15.17
N ILE B 224 24.56 -4.88 13.84
CA ILE B 224 24.64 -6.18 13.16
C ILE B 224 25.93 -6.36 12.32
N ILE B 225 26.94 -5.55 12.62
CA ILE B 225 28.19 -5.54 11.84
C ILE B 225 29.35 -6.11 12.67
N ASP B 226 29.99 -7.13 12.11
CA ASP B 226 31.17 -7.72 12.70
C ASP B 226 32.32 -6.68 12.63
N SER B 227 32.81 -6.19 13.76
CA SER B 227 33.91 -5.18 13.72
C SER B 227 35.23 -5.78 13.15
N LYS B 228 35.44 -7.07 13.22
CA LYS B 228 36.73 -7.52 12.64
C LYS B 228 36.79 -7.33 11.08
N THR B 229 35.70 -7.63 10.38
CA THR B 229 35.64 -7.55 8.91
C THR B 229 34.92 -6.36 8.36
N GLY B 230 34.10 -5.68 9.17
CA GLY B 230 33.18 -4.64 8.68
C GLY B 230 31.94 -5.15 7.93
N ASN B 231 31.73 -6.48 7.93
CA ASN B 231 30.58 -7.11 7.25
C ASN B 231 29.32 -7.11 8.09
N THR B 232 28.18 -6.90 7.47
CA THR B 232 26.91 -7.18 8.11
C THR B 232 26.79 -8.69 8.22
N ARG B 233 26.48 -9.19 9.42
CA ARG B 233 26.41 -10.63 9.65
C ARG B 233 25.19 -11.25 8.98
N PRO B 234 25.41 -12.24 8.10
CA PRO B 234 24.28 -12.87 7.45
C PRO B 234 23.34 -13.51 8.45
N GLU B 235 23.84 -14.02 9.56
CA GLU B 235 22.92 -14.64 10.54
C GLU B 235 22.00 -13.60 11.21
N ASP B 236 22.51 -12.36 11.34
CA ASP B 236 21.66 -11.31 11.91
C ASP B 236 20.61 -10.84 10.90
N VAL B 237 20.97 -10.82 9.62
CA VAL B 237 19.97 -10.60 8.57
C VAL B 237 18.88 -11.66 8.62
N LYS B 238 19.24 -12.96 8.67
CA LYS B 238 18.15 -13.96 8.85
C LYS B 238 17.31 -13.72 10.08
N THR B 239 17.92 -13.42 11.24
CA THR B 239 17.15 -13.12 12.45
C THR B 239 16.14 -11.99 12.19
N LEU B 240 16.58 -10.96 11.46
CA LEU B 240 15.68 -9.84 11.14
C LEU B 240 14.57 -10.30 10.18
N LEU B 241 14.92 -11.06 9.14
CA LEU B 241 13.92 -11.55 8.19
C LEU B 241 12.89 -12.44 8.94
N ASP B 242 13.33 -13.26 9.89
CA ASP B 242 12.35 -14.05 10.66
C ASP B 242 11.35 -13.18 11.39
N ILE B 243 11.85 -12.14 12.04
CA ILE B 243 10.94 -11.14 12.66
C ILE B 243 9.93 -10.54 11.68
N VAL B 244 10.42 -10.09 10.54
CA VAL B 244 9.58 -9.55 9.49
C VAL B 244 8.50 -10.55 9.06
N LYS B 245 8.88 -11.81 8.81
CA LYS B 245 7.85 -12.80 8.44
C LYS B 245 6.82 -13.04 9.55
N LYS B 246 7.24 -12.90 10.79
CA LYS B 246 6.35 -13.06 11.95
C LYS B 246 5.31 -11.95 11.99
N ILE B 247 5.74 -10.69 11.82
CA ILE B 247 4.85 -9.55 12.06
C ILE B 247 4.17 -8.98 10.81
N VAL B 248 4.64 -9.30 9.61
CA VAL B 248 4.01 -8.88 8.36
C VAL B 248 3.27 -10.09 7.80
N GLN B 249 1.95 -10.04 7.92
CA GLN B 249 1.12 -11.24 7.72
C GLN B 249 0.32 -11.16 6.45
#